data_8YHG
#
_entry.id   8YHG
#
_cell.length_a   49.140
_cell.length_b   58.990
_cell.length_c   104.760
_cell.angle_alpha   90.000
_cell.angle_beta   90.000
_cell.angle_gamma   90.000
#
_symmetry.space_group_name_H-M   'P 21 21 21'
#
loop_
_entity.id
_entity.type
_entity.pdbx_description
1 polymer 'Sordarin/hypoxysordarin biosynthesis cluster protein G'
2 non-polymer '(5R)-5-methyl-5-[[(1R,2R,5R)-2-methyl-5-[(2R)-1-oxidanylidenepropan-2-yl]cyclopentyl]methyl]-2-propan-2-yl-cyclopenta-1,3-diene-1-carboxylic acid'
3 non-polymer (4S)-2-METHYL-2,4-PENTANEDIOL
4 water water
#
_entity_poly.entity_id   1
_entity_poly.type   'polypeptide(L)'
_entity_poly.pdbx_seq_one_letter_code
;MAGKEIQTPDQAEAFVAKVFDVLDSYDYTRFGEVLSTDLKYEGGLQKTSGLDNFINDIKASTQRMPGLQTSHSRYRTELT
AEGTIYSEGHSNASLESNPGKVVTVPMIGVFKLDSEDGKIKEMRIYKDRLPFLALHQALPGMKANN
;
_entity_poly.pdbx_strand_id   A,B
#
loop_
_chem_comp.id
_chem_comp.type
_chem_comp.name
_chem_comp.formula
A1LYT non-polymer '(5R)-5-methyl-5-[[(1R,2R,5R)-2-methyl-5-[(2R)-1-oxidanylidenepropan-2-yl]cyclopentyl]methyl]-2-propan-2-yl-cyclopenta-1,3-diene-1-carboxylic acid' 'C20 H30 O3'
MPD non-polymer (4S)-2-METHYL-2,4-PENTANEDIOL 'C6 H14 O2'
#
# COMPACT_ATOMS: atom_id res chain seq x y z
N GLU A 5 -23.56 -2.02 12.93
CA GLU A 5 -23.29 -0.80 12.17
C GLU A 5 -22.76 -1.17 10.78
N ILE A 6 -21.48 -1.55 10.68
CA ILE A 6 -20.90 -1.96 9.42
C ILE A 6 -20.90 -3.48 9.43
N GLN A 7 -21.68 -4.06 8.52
CA GLN A 7 -21.88 -5.50 8.48
C GLN A 7 -21.53 -6.11 7.14
N THR A 8 -21.48 -5.32 6.07
CA THR A 8 -21.23 -5.81 4.72
C THR A 8 -20.04 -5.08 4.10
N PRO A 9 -19.41 -5.67 3.09
CA PRO A 9 -18.36 -4.94 2.36
C PRO A 9 -18.84 -3.63 1.78
N ASP A 10 -20.09 -3.58 1.28
CA ASP A 10 -20.62 -2.35 0.70
C ASP A 10 -20.73 -1.24 1.73
N GLN A 11 -21.16 -1.57 2.95
CA GLN A 11 -21.23 -0.56 4.01
C GLN A 11 -19.84 -0.12 4.44
N ALA A 12 -18.89 -1.06 4.48
CA ALA A 12 -17.49 -0.69 4.73
C ALA A 12 -17.00 0.29 3.69
N GLU A 13 -17.25 0.00 2.41
CA GLU A 13 -16.77 0.88 1.34
C GLU A 13 -17.41 2.25 1.45
N ALA A 14 -18.71 2.30 1.77
CA ALA A 14 -19.38 3.59 1.91
C ALA A 14 -18.81 4.36 3.10
N PHE A 15 -18.44 3.67 4.17
CA PHE A 15 -17.82 4.35 5.29
C PHE A 15 -16.45 4.91 4.90
N VAL A 16 -15.64 4.11 4.20
CA VAL A 16 -14.33 4.61 3.77
C VAL A 16 -14.51 5.83 2.88
N ALA A 17 -15.53 5.81 2.01
CA ALA A 17 -15.82 6.97 1.17
C ALA A 17 -16.14 8.18 2.02
N LYS A 18 -16.99 8.00 3.03
CA LYS A 18 -17.30 9.11 3.94
C LYS A 18 -16.06 9.61 4.64
N VAL A 19 -15.18 8.70 5.08
CA VAL A 19 -13.95 9.09 5.75
C VAL A 19 -13.08 9.97 4.86
N PHE A 20 -12.82 9.53 3.63
CA PHE A 20 -11.99 10.35 2.74
C PHE A 20 -12.71 11.63 2.30
N ASP A 21 -14.04 11.61 2.26
CA ASP A 21 -14.74 12.88 2.02
C ASP A 21 -14.39 13.90 3.10
N VAL A 22 -14.35 13.48 4.37
CA VAL A 22 -13.95 14.39 5.44
C VAL A 22 -12.49 14.78 5.29
N LEU A 23 -11.62 13.78 5.15
CA LEU A 23 -10.17 14.04 5.11
C LEU A 23 -9.81 14.99 3.98
N ASP A 24 -10.35 14.73 2.78
CA ASP A 24 -9.99 15.55 1.62
C ASP A 24 -10.59 16.95 1.66
N SER A 25 -11.55 17.22 2.56
CA SER A 25 -12.01 18.57 2.77
C SER A 25 -11.00 19.41 3.54
N TYR A 26 -10.06 18.76 4.24
CA TYR A 26 -9.09 19.44 5.10
C TYR A 26 -9.76 20.26 6.19
N ASP A 27 -11.02 19.95 6.52
CA ASP A 27 -11.73 20.60 7.64
C ASP A 27 -11.40 19.81 8.90
N TYR A 28 -10.29 20.17 9.54
CA TYR A 28 -9.79 19.40 10.68
C TYR A 28 -10.78 19.37 11.84
N THR A 29 -11.68 20.36 11.93
CA THR A 29 -12.64 20.36 13.03
C THR A 29 -13.64 19.22 12.93
N ARG A 30 -13.70 18.54 11.79
CA ARG A 30 -14.56 17.38 11.60
C ARG A 30 -13.84 16.05 11.66
N PHE A 31 -12.50 16.04 11.71
CA PHE A 31 -11.79 14.76 11.65
C PHE A 31 -12.22 13.82 12.78
N GLY A 32 -12.56 14.35 13.94
CA GLY A 32 -12.96 13.50 15.06
C GLY A 32 -14.32 12.83 14.89
N GLU A 33 -15.09 13.19 13.87
CA GLU A 33 -16.32 12.46 13.60
C GLU A 33 -16.04 11.01 13.23
N VAL A 34 -14.90 10.76 12.58
CA VAL A 34 -14.63 9.44 12.02
C VAL A 34 -13.33 8.82 12.53
N LEU A 35 -12.44 9.58 13.17
CA LEU A 35 -11.17 9.08 13.69
C LEU A 35 -11.20 9.07 15.21
N SER A 36 -10.69 7.98 15.80
N SER A 36 -10.68 7.98 15.79
CA SER A 36 -10.64 7.86 17.24
CA SER A 36 -10.65 7.84 17.26
C SER A 36 -9.62 8.82 17.84
C SER A 36 -9.62 8.79 17.86
N THR A 37 -9.81 9.13 19.13
N THR A 37 -9.81 9.11 19.15
CA THR A 37 -8.90 10.06 19.80
CA THR A 37 -8.92 10.05 19.81
C THR A 37 -7.48 9.51 19.84
C THR A 37 -7.50 9.51 19.87
N ASP A 38 -7.34 8.19 19.96
CA ASP A 38 -6.04 7.53 19.99
C ASP A 38 -5.70 6.88 18.65
N LEU A 39 -6.10 7.50 17.55
CA LEU A 39 -5.81 6.96 16.23
C LEU A 39 -4.33 6.62 16.08
N LYS A 40 -4.07 5.40 15.60
CA LYS A 40 -2.73 4.98 15.16
C LYS A 40 -2.72 5.01 13.64
N TYR A 41 -1.97 5.94 13.07
CA TYR A 41 -1.92 6.16 11.63
C TYR A 41 -0.51 5.91 11.09
N GLU A 42 -0.44 5.23 9.94
N GLU A 42 -0.42 5.22 9.95
CA GLU A 42 0.80 5.05 9.20
CA GLU A 42 0.84 5.10 9.23
C GLU A 42 0.54 5.40 7.74
C GLU A 42 0.59 5.34 7.74
N GLY A 43 1.44 6.16 7.14
CA GLY A 43 1.36 6.47 5.72
C GLY A 43 2.76 6.48 5.17
N GLY A 44 3.25 5.30 4.79
CA GLY A 44 4.67 5.18 4.48
C GLY A 44 5.45 5.50 5.74
N LEU A 45 6.42 6.41 5.61
CA LEU A 45 7.21 6.75 6.78
C LEU A 45 6.54 7.81 7.66
N GLN A 46 5.36 8.31 7.27
CA GLN A 46 4.61 9.18 8.16
C GLN A 46 3.86 8.31 9.17
N LYS A 47 4.03 8.60 10.46
CA LYS A 47 3.41 7.79 11.50
C LYS A 47 3.01 8.69 12.66
N THR A 48 1.77 8.55 13.15
CA THR A 48 1.28 9.41 14.23
C THR A 48 0.45 8.61 15.20
N SER A 49 0.38 9.10 16.44
CA SER A 49 -0.41 8.49 17.50
C SER A 49 -1.31 9.56 18.12
N GLY A 50 -2.61 9.34 18.05
CA GLY A 50 -3.52 10.34 18.58
C GLY A 50 -4.02 11.30 17.52
N LEU A 51 -5.26 11.76 17.71
CA LEU A 51 -5.92 12.55 16.68
C LEU A 51 -5.25 13.91 16.47
N ASP A 52 -4.91 14.60 17.57
CA ASP A 52 -4.23 15.89 17.42
C ASP A 52 -2.91 15.73 16.68
N ASN A 53 -2.17 14.67 16.97
CA ASN A 53 -0.90 14.47 16.28
C ASN A 53 -1.14 14.18 14.80
N PHE A 54 -2.20 13.42 14.47
CA PHE A 54 -2.57 13.20 13.07
C PHE A 54 -2.86 14.54 12.38
N ILE A 55 -3.68 15.39 13.03
CA ILE A 55 -4.06 16.65 12.42
C ILE A 55 -2.85 17.55 12.24
N ASN A 56 -1.98 17.61 13.23
CA ASN A 56 -0.79 18.44 13.12
C ASN A 56 0.11 17.99 11.99
N ASP A 57 0.23 16.67 11.80
CA ASP A 57 1.09 16.11 10.75
C ASP A 57 0.57 16.51 9.36
N ILE A 58 -0.74 16.39 9.15
CA ILE A 58 -1.33 16.80 7.87
C ILE A 58 -1.13 18.29 7.66
N LYS A 59 -1.36 19.09 8.70
CA LYS A 59 -1.20 20.54 8.59
C LYS A 59 0.20 20.91 8.14
N ALA A 60 1.22 20.26 8.71
CA ALA A 60 2.59 20.53 8.31
C ALA A 60 2.80 20.25 6.83
N SER A 61 2.45 19.05 6.38
CA SER A 61 2.59 18.71 4.97
C SER A 61 1.78 19.65 4.08
N THR A 62 0.64 20.14 4.58
CA THR A 62 -0.21 21.00 3.76
C THR A 62 0.36 22.40 3.62
N GLN A 63 1.00 22.93 4.67
CA GLN A 63 1.67 24.22 4.55
C GLN A 63 2.81 24.12 3.55
N ARG A 64 3.47 22.97 3.54
CA ARG A 64 4.55 22.67 2.60
C ARG A 64 4.06 22.70 1.16
N MET A 65 2.80 22.33 0.92
CA MET A 65 2.21 22.24 -0.40
C MET A 65 0.98 23.14 -0.46
N PRO A 66 1.15 24.46 -0.53
CA PRO A 66 0.00 25.34 -0.66
C PRO A 66 -0.71 25.10 -1.99
N GLY A 67 -2.03 25.22 -1.98
CA GLY A 67 -2.83 24.96 -3.15
C GLY A 67 -3.14 23.50 -3.40
N LEU A 68 -2.75 22.62 -2.48
CA LEU A 68 -2.98 21.19 -2.64
C LEU A 68 -4.46 20.84 -2.61
N GLN A 69 -4.88 19.96 -3.51
CA GLN A 69 -6.21 19.37 -3.50
C GLN A 69 -6.08 17.88 -3.72
N THR A 70 -6.90 17.11 -3.01
CA THR A 70 -6.85 15.66 -3.12
C THR A 70 -8.26 15.09 -3.19
N SER A 71 -8.38 13.89 -3.76
CA SER A 71 -9.63 13.15 -3.78
C SER A 71 -9.29 11.67 -3.88
N HIS A 72 -10.29 10.83 -3.61
CA HIS A 72 -10.06 9.39 -3.59
C HIS A 72 -11.26 8.69 -4.16
N SER A 73 -11.02 7.51 -4.73
CA SER A 73 -12.07 6.60 -5.18
C SER A 73 -11.71 5.19 -4.72
N ARG A 74 -12.70 4.31 -4.71
CA ARG A 74 -12.51 2.93 -4.27
C ARG A 74 -13.13 2.00 -5.29
N TYR A 75 -12.56 0.79 -5.44
CA TYR A 75 -13.23 -0.22 -6.27
C TYR A 75 -13.28 -1.61 -5.67
N ARG A 76 -12.45 -1.96 -4.67
CA ARG A 76 -12.48 -3.31 -4.14
C ARG A 76 -12.26 -3.26 -2.64
N THR A 77 -13.30 -3.57 -1.88
CA THR A 77 -13.27 -3.56 -0.43
C THR A 77 -13.68 -4.92 0.11
N GLU A 78 -12.92 -5.41 1.08
CA GLU A 78 -13.31 -6.59 1.85
C GLU A 78 -13.48 -6.18 3.31
N LEU A 79 -14.40 -6.86 3.98
CA LEU A 79 -14.60 -6.74 5.42
C LEU A 79 -14.40 -8.12 6.01
N THR A 80 -13.36 -8.30 6.81
CA THR A 80 -12.95 -9.65 7.21
C THR A 80 -13.61 -10.09 8.51
N ALA A 81 -13.43 -11.37 8.83
CA ALA A 81 -13.96 -11.92 10.08
C ALA A 81 -13.30 -11.30 11.31
N GLU A 82 -12.07 -10.79 11.19
CA GLU A 82 -11.46 -10.06 12.29
C GLU A 82 -11.95 -8.62 12.40
N GLY A 83 -12.87 -8.19 11.54
CA GLY A 83 -13.34 -6.81 11.56
C GLY A 83 -12.48 -5.83 10.78
N THR A 84 -11.47 -6.29 10.05
CA THR A 84 -10.60 -5.40 9.30
C THR A 84 -11.26 -4.98 8.00
N ILE A 85 -11.10 -3.72 7.61
CA ILE A 85 -11.52 -3.24 6.29
C ILE A 85 -10.27 -3.07 5.45
N TYR A 86 -10.21 -3.78 4.32
CA TYR A 86 -9.17 -3.58 3.33
C TYR A 86 -9.82 -2.97 2.11
N SER A 87 -9.41 -1.77 1.72
CA SER A 87 -10.10 -1.05 0.63
C SER A 87 -9.11 -0.59 -0.41
N GLU A 88 -9.14 -1.21 -1.59
CA GLU A 88 -8.30 -0.80 -2.70
C GLU A 88 -9.00 0.25 -3.56
N GLY A 89 -8.24 1.25 -3.96
CA GLY A 89 -8.79 2.35 -4.74
C GLY A 89 -7.68 3.18 -5.35
N HIS A 90 -7.92 4.48 -5.50
CA HIS A 90 -6.94 5.37 -6.09
C HIS A 90 -6.95 6.70 -5.34
N SER A 91 -5.79 7.34 -5.29
N SER A 91 -5.79 7.38 -5.35
CA SER A 91 -5.60 8.67 -4.72
CA SER A 91 -5.57 8.66 -4.71
C SER A 91 -5.25 9.63 -5.85
C SER A 91 -5.17 9.68 -5.77
N ASN A 92 -5.89 10.80 -5.84
CA ASN A 92 -5.65 11.87 -6.81
C ASN A 92 -5.15 13.11 -6.09
N ALA A 93 -4.24 13.84 -6.74
CA ALA A 93 -3.80 15.12 -6.19
C ALA A 93 -3.52 16.09 -7.33
N SER A 94 -3.70 17.38 -7.02
CA SER A 94 -3.35 18.45 -7.94
C SER A 94 -2.92 19.64 -7.10
N LEU A 95 -2.24 20.59 -7.74
CA LEU A 95 -1.84 21.83 -7.10
C LEU A 95 -2.63 22.97 -7.71
N GLU A 96 -3.23 23.81 -6.86
CA GLU A 96 -4.03 24.95 -7.30
C GLU A 96 -3.27 25.84 -8.28
N SER A 97 -1.94 25.81 -8.25
CA SER A 97 -1.16 26.60 -9.22
C SER A 97 -1.43 26.14 -10.64
N ASN A 98 -1.58 24.83 -10.86
CA ASN A 98 -1.94 24.28 -12.17
C ASN A 98 -2.93 23.15 -11.93
N PRO A 99 -4.20 23.49 -11.66
CA PRO A 99 -5.16 22.46 -11.21
C PRO A 99 -5.49 21.44 -12.27
N GLY A 100 -5.20 21.74 -13.55
N GLY A 100 -5.19 21.73 -13.54
CA GLY A 100 -5.42 20.76 -14.58
CA GLY A 100 -5.42 20.76 -14.59
C GLY A 100 -4.49 19.56 -14.48
C GLY A 100 -4.39 19.66 -14.66
N LYS A 101 -3.30 19.75 -13.90
CA LYS A 101 -2.32 18.66 -13.80
C LYS A 101 -2.72 17.76 -12.64
N VAL A 102 -3.24 16.59 -12.94
CA VAL A 102 -3.68 15.62 -11.94
C VAL A 102 -2.75 14.42 -11.96
N VAL A 103 -2.34 13.96 -10.77
CA VAL A 103 -1.58 12.71 -10.62
C VAL A 103 -2.43 11.74 -9.84
N THR A 104 -2.57 10.53 -10.34
CA THR A 104 -3.40 9.50 -9.72
C THR A 104 -2.55 8.25 -9.50
N VAL A 105 -2.61 7.68 -8.29
CA VAL A 105 -1.89 6.43 -8.06
C VAL A 105 -2.83 5.44 -7.39
N PRO A 106 -2.61 4.14 -7.57
CA PRO A 106 -3.32 3.14 -6.75
C PRO A 106 -3.05 3.33 -5.27
N MET A 107 -4.00 2.93 -4.44
CA MET A 107 -3.81 3.01 -3.00
C MET A 107 -4.61 1.88 -2.36
N ILE A 108 -4.24 1.49 -1.16
CA ILE A 108 -5.06 0.61 -0.36
C ILE A 108 -5.07 1.16 1.05
N GLY A 109 -6.24 1.12 1.69
CA GLY A 109 -6.40 1.51 3.08
C GLY A 109 -6.69 0.28 3.94
N VAL A 110 -6.01 0.20 5.07
CA VAL A 110 -6.26 -0.82 6.08
C VAL A 110 -6.86 -0.10 7.29
N PHE A 111 -8.05 -0.52 7.72
CA PHE A 111 -8.73 0.15 8.82
C PHE A 111 -9.18 -0.88 9.87
N LYS A 112 -8.96 -0.54 11.14
CA LYS A 112 -9.59 -1.25 12.25
C LYS A 112 -10.47 -0.25 12.98
N LEU A 113 -11.67 -0.67 13.37
CA LEU A 113 -12.63 0.23 13.98
C LEU A 113 -12.73 0.04 15.49
N ASP A 114 -13.09 1.11 16.17
CA ASP A 114 -13.38 1.05 17.59
C ASP A 114 -14.68 0.28 17.79
N SER A 115 -14.63 -0.75 18.65
CA SER A 115 -15.82 -1.55 18.91
C SER A 115 -16.94 -0.73 19.55
N GLU A 116 -16.59 0.32 20.29
CA GLU A 116 -17.60 1.09 21.01
C GLU A 116 -18.37 2.02 20.07
N ASP A 117 -17.67 2.89 19.35
CA ASP A 117 -18.34 3.93 18.57
C ASP A 117 -18.14 3.82 17.06
N GLY A 118 -17.43 2.79 16.59
CA GLY A 118 -17.30 2.58 15.17
C GLY A 118 -16.36 3.55 14.48
N LYS A 119 -15.58 4.33 15.22
CA LYS A 119 -14.61 5.19 14.58
C LYS A 119 -13.34 4.41 14.23
N ILE A 120 -12.52 5.01 13.38
CA ILE A 120 -11.26 4.41 12.97
C ILE A 120 -10.23 4.55 14.08
N LYS A 121 -9.75 3.41 14.61
CA LYS A 121 -8.70 3.44 15.60
C LYS A 121 -7.32 3.11 15.04
N GLU A 122 -7.26 2.42 13.90
CA GLU A 122 -6.01 2.19 13.17
C GLU A 122 -6.27 2.45 11.70
N MET A 123 -5.40 3.22 11.08
CA MET A 123 -5.53 3.52 9.66
C MET A 123 -4.15 3.48 9.04
N ARG A 124 -3.94 2.56 8.13
CA ARG A 124 -2.66 2.46 7.44
C ARG A 124 -2.94 2.54 5.95
N ILE A 125 -2.42 3.60 5.33
CA ILE A 125 -2.64 3.91 3.92
C ILE A 125 -1.36 3.62 3.17
N TYR A 126 -1.45 2.84 2.10
CA TYR A 126 -0.29 2.46 1.33
C TYR A 126 -0.46 2.91 -0.10
N LYS A 127 0.53 3.64 -0.62
CA LYS A 127 0.57 4.08 -2.01
C LYS A 127 1.96 4.59 -2.31
N ASP A 128 2.30 4.65 -3.59
CA ASP A 128 3.56 5.19 -4.03
C ASP A 128 3.44 6.70 -4.16
N ARG A 129 4.22 7.46 -3.38
CA ARG A 129 4.21 8.91 -3.53
C ARG A 129 5.17 9.41 -4.61
N LEU A 130 6.08 8.57 -5.10
CA LEU A 130 7.03 9.04 -6.12
C LEU A 130 6.36 9.70 -7.34
N PRO A 131 5.27 9.17 -7.90
CA PRO A 131 4.65 9.85 -9.05
C PRO A 131 4.17 11.26 -8.78
N PHE A 132 3.88 11.62 -7.53
CA PHE A 132 3.40 12.97 -7.24
C PHE A 132 4.49 14.01 -7.43
N LEU A 133 5.74 13.57 -7.63
CA LEU A 133 6.78 14.53 -8.01
C LEU A 133 6.44 15.23 -9.32
N ALA A 134 5.65 14.59 -10.17
CA ALA A 134 5.25 15.20 -11.45
C ALA A 134 4.38 16.44 -11.28
N LEU A 135 3.89 16.71 -10.07
CA LEU A 135 3.12 17.92 -9.81
C LEU A 135 3.99 19.18 -9.88
N HIS A 136 5.31 19.02 -9.81
CA HIS A 136 6.25 20.12 -9.98
C HIS A 136 6.66 20.22 -11.45
N GLN A 137 6.31 21.32 -12.11
CA GLN A 137 6.79 21.54 -13.47
C GLN A 137 8.22 22.09 -13.46
N GLU B 5 -1.54 -26.62 0.35
CA GLU B 5 -2.77 -25.85 0.38
C GLU B 5 -2.80 -24.98 1.64
N ILE B 6 -3.26 -23.74 1.48
CA ILE B 6 -3.22 -22.71 2.51
C ILE B 6 -4.60 -22.52 3.13
N GLN B 7 -4.72 -22.78 4.44
CA GLN B 7 -5.98 -22.64 5.16
C GLN B 7 -5.93 -21.66 6.32
N THR B 8 -4.76 -21.29 6.81
CA THR B 8 -4.63 -20.42 7.96
C THR B 8 -3.82 -19.17 7.61
N PRO B 9 -3.98 -18.09 8.40
CA PRO B 9 -3.11 -16.92 8.20
C PRO B 9 -1.63 -17.23 8.33
N ASP B 10 -1.26 -18.12 9.26
CA ASP B 10 0.15 -18.46 9.45
C ASP B 10 0.73 -19.13 8.20
N GLN B 11 -0.03 -20.03 7.57
CA GLN B 11 0.45 -20.62 6.32
C GLN B 11 0.46 -19.60 5.20
N ALA B 12 -0.56 -18.74 5.15
CA ALA B 12 -0.54 -17.66 4.17
C ALA B 12 0.72 -16.83 4.34
N GLU B 13 1.02 -16.41 5.58
CA GLU B 13 2.23 -15.60 5.81
C GLU B 13 3.50 -16.37 5.47
N ALA B 14 3.56 -17.67 5.80
CA ALA B 14 4.75 -18.45 5.48
C ALA B 14 4.94 -18.56 3.97
N PHE B 15 3.84 -18.71 3.24
CA PHE B 15 3.94 -18.75 1.78
C PHE B 15 4.44 -17.41 1.24
N VAL B 16 3.90 -16.30 1.74
CA VAL B 16 4.36 -14.99 1.27
C VAL B 16 5.85 -14.81 1.51
N ALA B 17 6.35 -15.24 2.67
CA ALA B 17 7.77 -15.15 2.95
C ALA B 17 8.59 -15.90 1.89
N LYS B 18 8.19 -17.13 1.57
CA LYS B 18 8.88 -17.89 0.54
C LYS B 18 8.80 -17.21 -0.82
N VAL B 19 7.65 -16.64 -1.16
CA VAL B 19 7.50 -15.92 -2.42
C VAL B 19 8.54 -14.82 -2.53
N PHE B 20 8.65 -13.99 -1.49
CA PHE B 20 9.62 -12.89 -1.55
C PHE B 20 11.05 -13.41 -1.45
N ASP B 21 11.27 -14.56 -0.81
CA ASP B 21 12.59 -15.20 -0.87
C ASP B 21 13.00 -15.43 -2.31
N VAL B 22 12.08 -15.97 -3.12
CA VAL B 22 12.38 -16.18 -4.53
C VAL B 22 12.55 -14.84 -5.25
N LEU B 23 11.60 -13.92 -5.08
CA LEU B 23 11.68 -12.67 -5.83
C LEU B 23 12.95 -11.89 -5.54
N ASP B 24 13.31 -11.75 -4.26
CA ASP B 24 14.47 -10.97 -3.84
C ASP B 24 15.80 -11.59 -4.25
N SER B 25 15.81 -12.86 -4.66
CA SER B 25 17.02 -13.42 -5.24
C SER B 25 17.28 -12.95 -6.66
N TYR B 26 16.25 -12.43 -7.35
CA TYR B 26 16.30 -11.99 -8.73
C TYR B 26 16.72 -13.10 -9.68
N ASP B 27 16.53 -14.35 -9.27
CA ASP B 27 16.77 -15.52 -10.11
C ASP B 27 15.49 -15.75 -10.90
N TYR B 28 15.40 -15.09 -12.06
CA TYR B 28 14.16 -15.09 -12.82
C TYR B 28 13.74 -16.48 -13.28
N THR B 29 14.68 -17.43 -13.40
CA THR B 29 14.30 -18.78 -13.83
C THR B 29 13.48 -19.52 -12.79
N ARG B 30 13.43 -19.02 -11.56
CA ARG B 30 12.66 -19.64 -10.49
C ARG B 30 11.31 -18.99 -10.24
N PHE B 31 11.04 -17.84 -10.86
CA PHE B 31 9.82 -17.09 -10.53
C PHE B 31 8.57 -17.93 -10.79
N GLY B 32 8.61 -18.78 -11.82
CA GLY B 32 7.46 -19.61 -12.14
C GLY B 32 7.18 -20.71 -11.14
N GLU B 33 8.07 -20.94 -10.17
CA GLU B 33 7.75 -21.86 -9.08
C GLU B 33 6.58 -21.34 -8.26
N VAL B 34 6.45 -20.02 -8.13
CA VAL B 34 5.46 -19.44 -7.23
C VAL B 34 4.51 -18.47 -7.93
N LEU B 35 4.82 -18.01 -9.15
CA LEU B 35 3.95 -17.11 -9.89
C LEU B 35 3.32 -17.84 -11.06
N SER B 36 2.01 -17.63 -11.26
CA SER B 36 1.31 -18.20 -12.40
C SER B 36 1.80 -17.56 -13.71
N THR B 37 1.67 -18.33 -14.79
N THR B 37 1.67 -18.32 -14.80
CA THR B 37 2.05 -17.83 -16.10
CA THR B 37 2.08 -17.79 -16.10
C THR B 37 1.24 -16.60 -16.48
C THR B 37 1.22 -16.62 -16.54
N ASP B 38 -0.03 -16.53 -16.06
CA ASP B 38 -0.92 -15.42 -16.38
C ASP B 38 -1.04 -14.43 -15.22
N LEU B 39 0.02 -14.30 -14.42
CA LEU B 39 0.04 -13.39 -13.28
C LEU B 39 -0.38 -11.98 -13.67
N LYS B 40 -1.31 -11.40 -12.89
CA LYS B 40 -1.66 -9.98 -12.98
C LYS B 40 -1.00 -9.24 -11.83
N TYR B 41 -0.04 -8.38 -12.14
CA TYR B 41 0.75 -7.67 -11.15
C TYR B 41 0.52 -6.17 -11.24
N GLU B 42 0.38 -5.54 -10.09
N GLU B 42 0.39 -5.51 -10.09
CA GLU B 42 0.40 -4.09 -9.98
CA GLU B 42 0.43 -4.06 -10.05
C GLU B 42 1.37 -3.69 -8.86
C GLU B 42 1.28 -3.62 -8.87
N GLY B 43 2.21 -2.71 -9.14
CA GLY B 43 3.08 -2.16 -8.12
C GLY B 43 3.15 -0.66 -8.30
N GLY B 44 2.21 0.06 -7.69
CA GLY B 44 2.07 1.47 -8.01
C GLY B 44 1.67 1.63 -9.47
N LEU B 45 2.40 2.45 -10.21
CA LEU B 45 2.09 2.61 -11.62
C LEU B 45 2.70 1.53 -12.50
N GLN B 46 3.44 0.58 -11.92
CA GLN B 46 3.93 -0.59 -12.65
C GLN B 46 2.82 -1.62 -12.74
N LYS B 47 2.54 -2.09 -13.96
CA LYS B 47 1.46 -3.03 -14.13
C LYS B 47 1.81 -3.99 -15.26
N THR B 48 1.67 -5.29 -15.00
CA THR B 48 2.04 -6.30 -15.98
C THR B 48 1.01 -7.42 -16.00
N SER B 49 0.91 -8.06 -17.16
CA SER B 49 0.02 -9.19 -17.39
C SER B 49 0.86 -10.29 -18.02
N GLY B 50 0.93 -11.43 -17.35
CA GLY B 50 1.76 -12.54 -17.79
C GLY B 50 3.09 -12.58 -17.09
N LEU B 51 3.58 -13.80 -16.85
CA LEU B 51 4.82 -13.93 -16.08
C LEU B 51 6.02 -13.37 -16.83
N ASP B 52 6.13 -13.65 -18.13
CA ASP B 52 7.26 -13.14 -18.89
C ASP B 52 7.31 -11.62 -18.84
N ASN B 53 6.15 -10.97 -18.95
CA ASN B 53 6.08 -9.52 -18.87
C ASN B 53 6.46 -9.02 -17.48
N PHE B 54 6.03 -9.74 -16.43
CA PHE B 54 6.45 -9.39 -15.07
C PHE B 54 7.97 -9.42 -14.97
N ILE B 55 8.58 -10.50 -15.47
CA ILE B 55 10.03 -10.68 -15.40
C ILE B 55 10.74 -9.59 -16.18
N ASN B 56 10.26 -9.29 -17.40
CA ASN B 56 10.90 -8.24 -18.20
C ASN B 56 10.79 -6.89 -17.51
N ASP B 57 9.67 -6.62 -16.83
CA ASP B 57 9.50 -5.37 -16.11
C ASP B 57 10.55 -5.25 -15.00
N ILE B 58 10.73 -6.32 -14.22
CA ILE B 58 11.73 -6.30 -13.16
C ILE B 58 13.13 -6.15 -13.75
N LYS B 59 13.42 -6.88 -14.84
CA LYS B 59 14.74 -6.78 -15.46
C LYS B 59 15.03 -5.35 -15.89
N ALA B 60 14.05 -4.70 -16.53
CA ALA B 60 14.23 -3.31 -16.94
C ALA B 60 14.52 -2.42 -15.74
N SER B 61 13.69 -2.52 -14.69
CA SER B 61 13.89 -1.71 -13.49
C SER B 61 15.25 -1.96 -12.85
N THR B 62 15.75 -3.20 -12.89
CA THR B 62 17.04 -3.49 -12.27
C THR B 62 18.20 -2.98 -13.10
N GLN B 63 18.05 -2.92 -14.42
CA GLN B 63 19.08 -2.28 -15.24
C GLN B 63 19.28 -0.83 -14.82
N ARG B 64 18.20 -0.15 -14.44
CA ARG B 64 18.32 1.23 -13.99
C ARG B 64 19.12 1.34 -12.70
N MET B 65 19.05 0.34 -11.81
CA MET B 65 19.76 0.37 -10.53
C MET B 65 20.66 -0.85 -10.36
N PRO B 66 21.83 -0.85 -10.98
CA PRO B 66 22.77 -1.95 -10.76
C PRO B 66 23.23 -1.99 -9.31
N GLY B 67 23.46 -3.20 -8.80
CA GLY B 67 23.84 -3.39 -7.42
C GLY B 67 22.69 -3.43 -6.43
N LEU B 68 21.46 -3.38 -6.92
CA LEU B 68 20.30 -3.37 -6.04
C LEU B 68 20.21 -4.69 -5.26
N GLN B 69 19.88 -4.59 -3.97
CA GLN B 69 19.64 -5.74 -3.12
C GLN B 69 18.36 -5.46 -2.36
N THR B 70 17.50 -6.47 -2.22
CA THR B 70 16.24 -6.26 -1.51
C THR B 70 15.95 -7.43 -0.58
N SER B 71 15.13 -7.17 0.43
CA SER B 71 14.63 -8.22 1.32
C SER B 71 13.32 -7.73 1.91
N HIS B 72 12.57 -8.65 2.52
CA HIS B 72 11.25 -8.34 3.02
C HIS B 72 11.03 -9.06 4.34
N SER B 73 10.20 -8.46 5.19
CA SER B 73 9.75 -9.08 6.42
C SER B 73 8.24 -8.89 6.51
N ARG B 74 7.60 -9.67 7.36
CA ARG B 74 6.16 -9.58 7.53
C ARG B 74 5.82 -9.49 9.00
N TYR B 75 4.70 -8.82 9.32
CA TYR B 75 4.20 -8.90 10.68
C TYR B 75 2.71 -9.12 10.82
N ARG B 76 1.88 -8.88 9.81
CA ARG B 76 0.44 -9.05 10.01
C ARG B 76 -0.23 -9.52 8.72
N THR B 77 -0.71 -10.77 8.71
CA THR B 77 -1.33 -11.38 7.54
C THR B 77 -2.73 -11.87 7.86
N GLU B 78 -3.67 -11.59 6.97
CA GLU B 78 -5.00 -12.20 7.04
C GLU B 78 -5.26 -13.02 5.79
N LEU B 79 -6.04 -14.09 5.96
CA LEU B 79 -6.54 -14.91 4.87
C LEU B 79 -8.05 -14.85 4.94
N THR B 80 -8.68 -14.26 3.93
CA THR B 80 -10.10 -13.96 4.04
C THR B 80 -10.94 -15.09 3.47
N ALA B 81 -12.26 -14.96 3.65
CA ALA B 81 -13.21 -15.95 3.15
C ALA B 81 -13.24 -15.99 1.63
N GLU B 82 -12.87 -14.90 0.97
CA GLU B 82 -12.76 -14.86 -0.48
C GLU B 82 -11.46 -15.46 -0.99
N GLY B 83 -10.62 -15.98 -0.09
CA GLY B 83 -9.35 -16.54 -0.47
C GLY B 83 -8.24 -15.53 -0.64
N THR B 84 -8.48 -14.27 -0.31
CA THR B 84 -7.48 -13.24 -0.48
C THR B 84 -6.49 -13.28 0.66
N ILE B 85 -5.22 -13.09 0.33
CA ILE B 85 -4.16 -12.92 1.32
C ILE B 85 -3.79 -11.45 1.36
N TYR B 86 -3.94 -10.83 2.53
CA TYR B 86 -3.44 -9.47 2.77
C TYR B 86 -2.28 -9.57 3.75
N SER B 87 -1.09 -9.16 3.33
CA SER B 87 0.10 -9.36 4.16
C SER B 87 0.87 -8.05 4.30
N GLU B 88 0.83 -7.47 5.51
CA GLU B 88 1.58 -6.26 5.82
C GLU B 88 2.97 -6.62 6.36
N GLY B 89 3.95 -5.83 5.95
CA GLY B 89 5.32 -6.06 6.34
C GLY B 89 6.16 -4.85 5.97
N HIS B 90 7.41 -5.09 5.61
CA HIS B 90 8.33 -4.01 5.24
C HIS B 90 9.20 -4.46 4.08
N SER B 91 9.57 -3.49 3.24
N SER B 91 9.62 -3.48 3.28
CA SER B 91 10.51 -3.70 2.16
CA SER B 91 10.50 -3.67 2.14
C SER B 91 11.82 -2.99 2.51
C SER B 91 11.82 -2.96 2.42
N ASN B 92 12.93 -3.72 2.38
CA ASN B 92 14.26 -3.16 2.60
C ASN B 92 15.03 -3.14 1.28
N ALA B 93 15.83 -2.10 1.08
CA ALA B 93 16.68 -2.08 -0.11
C ALA B 93 17.99 -1.39 0.21
N SER B 94 19.03 -1.81 -0.50
CA SER B 94 20.35 -1.21 -0.41
C SER B 94 21.02 -1.37 -1.77
N LEU B 95 22.14 -0.68 -1.94
CA LEU B 95 22.97 -0.79 -3.14
C LEU B 95 24.27 -1.48 -2.75
N GLU B 96 24.69 -2.47 -3.55
CA GLU B 96 25.94 -3.18 -3.30
C GLU B 96 27.13 -2.22 -3.19
N SER B 97 27.06 -1.06 -3.84
CA SER B 97 28.15 -0.09 -3.72
C SER B 97 28.27 0.45 -2.30
N ASN B 98 27.15 0.59 -1.59
CA ASN B 98 27.13 1.10 -0.22
C ASN B 98 26.14 0.26 0.58
N PRO B 99 26.54 -0.97 0.93
CA PRO B 99 25.56 -1.93 1.49
C PRO B 99 25.03 -1.55 2.87
N GLY B 100 25.74 -0.71 3.62
CA GLY B 100 25.31 -0.30 4.93
C GLY B 100 24.28 0.81 4.95
N LYS B 101 23.98 1.40 3.79
CA LYS B 101 22.88 2.36 3.69
C LYS B 101 21.63 1.59 3.29
N VAL B 102 20.76 1.36 4.26
CA VAL B 102 19.54 0.58 4.05
C VAL B 102 18.35 1.54 4.16
N VAL B 103 17.40 1.41 3.24
CA VAL B 103 16.14 2.13 3.33
C VAL B 103 15.02 1.12 3.48
N THR B 104 14.17 1.31 4.49
CA THR B 104 13.09 0.38 4.77
C THR B 104 11.78 1.16 4.78
N VAL B 105 10.76 0.64 4.08
CA VAL B 105 9.44 1.25 4.14
C VAL B 105 8.39 0.18 4.42
N PRO B 106 7.28 0.53 5.07
CA PRO B 106 6.16 -0.40 5.17
C PRO B 106 5.64 -0.78 3.80
N MET B 107 5.07 -1.98 3.73
CA MET B 107 4.45 -2.45 2.50
C MET B 107 3.30 -3.36 2.87
N ILE B 108 2.38 -3.53 1.92
CA ILE B 108 1.37 -4.58 2.01
C ILE B 108 1.24 -5.25 0.66
N GLY B 109 1.07 -6.58 0.68
CA GLY B 109 0.81 -7.35 -0.53
C GLY B 109 -0.61 -7.89 -0.52
N VAL B 110 -1.27 -7.83 -1.67
CA VAL B 110 -2.59 -8.40 -1.88
C VAL B 110 -2.39 -9.54 -2.86
N PHE B 111 -2.79 -10.76 -2.49
CA PHE B 111 -2.54 -11.92 -3.34
C PHE B 111 -3.81 -12.76 -3.53
N LYS B 112 -4.01 -13.23 -4.75
CA LYS B 112 -4.98 -14.28 -5.05
C LYS B 112 -4.25 -15.47 -5.64
N LEU B 113 -4.65 -16.67 -5.23
CA LEU B 113 -3.93 -17.88 -5.59
C LEU B 113 -4.67 -18.65 -6.67
N ASP B 114 -3.91 -19.40 -7.46
CA ASP B 114 -4.49 -20.32 -8.44
C ASP B 114 -5.06 -21.52 -7.70
N SER B 115 -6.35 -21.81 -7.92
CA SER B 115 -6.99 -22.92 -7.22
C SER B 115 -6.38 -24.26 -7.61
N GLU B 116 -5.83 -24.35 -8.82
CA GLU B 116 -5.29 -25.61 -9.32
C GLU B 116 -3.94 -25.94 -8.70
N ASP B 117 -2.97 -25.02 -8.81
CA ASP B 117 -1.60 -25.29 -8.37
C ASP B 117 -1.11 -24.40 -7.23
N GLY B 118 -1.95 -23.50 -6.72
CA GLY B 118 -1.57 -22.69 -5.58
C GLY B 118 -0.55 -21.60 -5.86
N LYS B 119 -0.25 -21.33 -7.12
CA LYS B 119 0.67 -20.25 -7.46
C LYS B 119 -0.08 -18.92 -7.42
N ILE B 120 0.68 -17.84 -7.37
CA ILE B 120 0.09 -16.50 -7.29
C ILE B 120 -0.41 -16.09 -8.67
N LYS B 121 -1.72 -15.84 -8.77
CA LYS B 121 -2.28 -15.34 -10.03
C LYS B 121 -2.53 -13.84 -10.05
N GLU B 122 -2.70 -13.21 -8.89
CA GLU B 122 -2.80 -11.76 -8.78
C GLU B 122 -1.91 -11.33 -7.63
N MET B 123 -1.09 -10.31 -7.87
CA MET B 123 -0.22 -9.79 -6.82
C MET B 123 -0.20 -8.28 -6.94
N ARG B 124 -0.68 -7.59 -5.92
CA ARG B 124 -0.65 -6.12 -5.90
C ARG B 124 0.11 -5.66 -4.67
N ILE B 125 1.24 -4.98 -4.91
CA ILE B 125 2.14 -4.54 -3.85
C ILE B 125 2.03 -3.04 -3.70
N TYR B 126 1.80 -2.57 -2.47
CA TYR B 126 1.62 -1.15 -2.19
C TYR B 126 2.70 -0.69 -1.22
N LYS B 127 3.40 0.39 -1.57
CA LYS B 127 4.42 0.98 -0.70
C LYS B 127 4.85 2.30 -1.31
N ASP B 128 5.43 3.15 -0.47
CA ASP B 128 5.99 4.41 -0.93
C ASP B 128 7.41 4.17 -1.42
N ARG B 129 7.64 4.41 -2.71
CA ARG B 129 9.00 4.28 -3.23
C ARG B 129 9.83 5.55 -3.07
N LEU B 130 9.22 6.69 -2.76
CA LEU B 130 9.98 7.93 -2.65
C LEU B 130 11.15 7.85 -1.69
N PRO B 131 11.06 7.19 -0.51
CA PRO B 131 12.26 7.11 0.34
C PRO B 131 13.45 6.44 -0.32
N PHE B 132 13.23 5.57 -1.30
CA PHE B 132 14.36 4.86 -1.90
C PHE B 132 15.27 5.78 -2.72
N LEU B 133 14.84 7.01 -3.00
CA LEU B 133 15.74 7.96 -3.63
C LEU B 133 16.97 8.24 -2.78
N ALA B 134 16.86 8.05 -1.46
CA ALA B 134 18.02 8.25 -0.59
C ALA B 134 19.15 7.27 -0.86
N LEU B 135 18.88 6.20 -1.64
CA LEU B 135 19.94 5.27 -2.01
C LEU B 135 20.88 5.83 -3.06
N HIS B 136 20.49 6.88 -3.79
CA HIS B 136 21.43 7.54 -4.70
C HIS B 136 22.32 8.53 -3.97
N GLN B 137 21.71 9.28 -3.05
CA GLN B 137 22.40 10.32 -2.30
C GLN B 137 23.30 9.67 -1.26
N ALA B 138 24.58 10.04 -1.29
CA ALA B 138 25.62 9.38 -0.50
C ALA B 138 25.59 7.87 -0.74
C11 A1LYT C . -1.35 15.02 0.36
C12 A1LYT C . -1.84 15.21 1.79
C13 A1LYT C . -2.38 13.61 3.62
C14 A1LYT C . -3.57 12.81 3.01
C15 A1LYT C . -4.18 12.15 3.98
C10 A1LYT C . 1.01 13.79 -1.68
C01 A1LYT C . -0.04 14.56 3.47
C02 A1LYT C . -1.31 14.07 2.64
C03 A1LYT C . -0.91 12.99 1.59
C04 A1LYT C . -0.07 11.75 1.93
C07 A1LYT C . -0.66 13.75 0.30
C08 A1LYT C . -0.23 13.09 -1.09
C09 A1LYT C . -1.38 13.06 -2.09
C16 A1LYT C . -3.56 10.71 4.13
C17 A1LYT C . -4.14 9.99 5.37
C18 A1LYT C . -3.74 9.92 2.80
C20 A1LYT C . -5.76 12.01 3.51
C21 A1LYT C . -5.90 13.00 2.32
C22 A1LYT C . -4.82 13.82 2.49
C23 A1LYT C . -5.13 14.82 3.58
O05 A1LYT C . 0.32 11.50 3.11
O06 A1LYT C . 0.22 10.91 1.01
O19 A1LYT C . -4.51 8.99 2.71
C1 MPD D . -8.54 15.48 -8.92
C2 MPD D . -8.58 16.59 -7.88
O2 MPD D . -8.20 17.81 -8.54
CM MPD D . -7.60 16.32 -6.76
C3 MPD D . -10.00 16.78 -7.32
C4 MPD D . -10.13 18.10 -6.62
O4 MPD D . -10.13 19.13 -7.61
C5 MPD D . -11.34 18.22 -5.75
C11 A1LYT E . 13.37 -2.97 -6.40
C12 A1LYT E . 13.00 -4.09 -7.37
C13 A1LYT E . 10.87 -5.25 -7.90
C14 A1LYT E . 10.49 -5.92 -6.53
C15 A1LYT E . 9.59 -6.85 -6.78
C10 A1LYT E . 12.91 0.18 -5.62
C01 A1LYT E . 11.53 -3.14 -9.21
C02 A1LYT E . 11.55 -3.89 -7.80
C03 A1LYT E . 10.96 -2.94 -6.70
C04 A1LYT E . 9.58 -2.29 -6.82
C07 A1LYT E . 12.14 -2.20 -6.15
C08 A1LYT E . 12.10 -1.03 -5.08
C09 A1LYT E . 12.65 -1.53 -3.76
C16 A1LYT E . 8.16 -6.20 -6.68
C17 A1LYT E . 7.06 -7.25 -6.96
C18 A1LYT E . 8.05 -5.53 -5.27
C20 A1LYT E . 9.73 -7.94 -5.55
C21 A1LYT E . 11.09 -7.57 -4.88
C22 A1LYT E . 11.71 -6.82 -5.84
C23 A1LYT E . 12.22 -7.79 -6.89
O05 A1LYT E . 8.80 -2.54 -7.79
O06 A1LYT E . 9.20 -1.47 -5.91
O19 A1LYT E . 7.35 -5.97 -4.39
C1 MPD F . 18.99 -5.00 3.91
C2 MPD F . 19.28 -5.61 2.54
O2 MPD F . 20.57 -5.16 2.12
CM MPD F . 18.27 -5.13 1.51
C3 MPD F . 19.30 -7.14 2.63
C4 MPD F . 19.94 -7.75 1.42
O4 MPD F . 21.33 -7.51 1.47
C5 MPD F . 19.68 -9.23 1.34
#